data_8AKK
#
_entry.id   8AKK
#
_cell.length_a   60.662
_cell.length_b   79.482
_cell.length_c   55.945
_cell.angle_alpha   90.000
_cell.angle_beta   90.000
_cell.angle_gamma   90.000
#
_symmetry.space_group_name_H-M   'P 21 21 2'
#
loop_
_entity.id
_entity.type
_entity.pdbx_description
1 polymer 'Carbapenem-hydrolyzing beta-lactamase KPC'
2 non-polymer Imipenem
3 non-polymer '(2R,4S)-2-[(1S,2R)-1-carboxy-2-hydroxypropyl]-4-[(2-{[(Z)-iminomethyl]amino}ethyl)sulfanyl]-3,4-dihydro-2H-pyrrole-5-ca rboxylic acid'
4 non-polymer 'SULFATE ION'
5 non-polymer GLYCEROL
6 water water
#
_entity_poly.entity_id   1
_entity_poly.type   'polypeptide(L)'
_entity_poly.pdbx_seq_one_letter_code
;MGSSHHHHHHSSGLVPRGSHMLTNLVAEPFAKLEQDFGGSIGVYAMDTGSGATVSYRAEERFPLCSSFKGFLAAAVLARS
QQQAGLLDTPIRYGKNALVPWSPISEKYLTTGMTVAELSAAAVQYSDNAAANLLLKELGGPAGLTAFMRSIGDTTFRLDR
WQLELNSAIPGDARDTSSPRAVTESLQKLTLGSALAAPQRQQFVDWLKGNTTGNHRIRAAVPADWAVGDKTGTCGVYGTA
NDYAVVWPTGRAPIVLAVYTRAPNKDDKHSEAVIAAAARLALEGLGVNGQ
;
_entity_poly.pdbx_strand_id   A
#
loop_
_chem_comp.id
_chem_comp.type
_chem_comp.name
_chem_comp.formula
GOL non-polymer GLYCEROL 'C3 H8 O3'
HIW non-polymer '(2R,4S)-2-[(1S,2R)-1-carboxy-2-hydroxypropyl]-4-[(2-{[(Z)-iminomethyl]amino}ethyl)sulfanyl]-3,4-dihydro-2H-pyrrole-5-ca rboxylic acid' 'C12 H19 N3 O5 S'
ID1 non-polymer Imipenem 'C12 H19 N3 O4 S'
SO4 non-polymer 'SULFATE ION' 'O4 S -2'
#
# COMPACT_ATOMS: atom_id res chain seq x y z
N LEU A 22 -7.06 21.92 11.35
CA LEU A 22 -7.77 21.33 10.23
C LEU A 22 -7.95 19.83 10.32
N THR A 23 -7.70 19.24 11.49
CA THR A 23 -7.87 17.80 11.69
C THR A 23 -9.25 17.52 12.29
N ASN A 24 -9.98 16.59 11.66
CA ASN A 24 -11.28 16.14 12.16
C ASN A 24 -12.22 17.31 12.42
N LEU A 25 -12.34 18.18 11.41
CA LEU A 25 -13.31 19.27 11.50
C LEU A 25 -14.73 18.75 11.57
N VAL A 26 -14.98 17.55 11.03
CA VAL A 26 -16.28 16.89 11.03
C VAL A 26 -16.07 15.49 11.59
N ALA A 27 -16.75 15.18 12.69
CA ALA A 27 -16.64 13.85 13.29
C ALA A 27 -17.39 12.82 12.46
N GLU A 28 -16.86 11.60 12.42
CA GLU A 28 -17.46 10.46 11.73
C GLU A 28 -17.46 9.22 12.63
N PRO A 29 -18.46 8.32 12.46
CA PRO A 29 -18.70 7.18 13.38
C PRO A 29 -17.76 5.99 13.14
N PHE A 30 -16.46 6.27 13.23
CA PHE A 30 -15.50 5.18 13.09
C PHE A 30 -15.60 4.17 14.23
N ALA A 31 -15.89 4.65 15.45
CA ALA A 31 -15.93 3.75 16.60
C ALA A 31 -17.03 2.70 16.45
N LYS A 32 -18.21 3.13 15.99
CA LYS A 32 -19.29 2.16 15.77
C LYS A 32 -18.90 1.16 14.68
N LEU A 33 -18.24 1.64 13.63
CA LEU A 33 -17.83 0.74 12.55
C LEU A 33 -16.86 -0.33 13.06
N GLU A 34 -15.85 0.07 13.85
CA GLU A 34 -14.88 -0.93 14.30
C GLU A 34 -15.49 -1.87 15.35
N GLN A 35 -16.46 -1.38 16.12
CA GLN A 35 -17.15 -2.25 17.07
C GLN A 35 -18.00 -3.30 16.37
N ASP A 36 -18.70 -2.92 15.30
CA ASP A 36 -19.44 -3.91 14.52
C ASP A 36 -18.49 -4.92 13.87
N PHE A 37 -17.32 -4.45 13.42
CA PHE A 37 -16.31 -5.34 12.84
C PHE A 37 -15.70 -6.28 13.87
N GLY A 38 -15.62 -5.85 15.13
CA GLY A 38 -15.01 -6.66 16.16
C GLY A 38 -13.52 -6.48 16.34
N GLY A 39 -12.97 -5.35 15.93
CA GLY A 39 -11.55 -5.10 16.05
C GLY A 39 -11.24 -3.63 16.05
N SER A 40 -10.09 -3.28 15.46
CA SER A 40 -9.59 -1.93 15.38
C SER A 40 -9.42 -1.48 13.93
N ILE A 41 -9.80 -0.24 13.64
CA ILE A 41 -9.63 0.37 12.32
C ILE A 41 -8.79 1.63 12.48
N GLY A 42 -7.78 1.78 11.62
CA GLY A 42 -6.94 2.96 11.57
C GLY A 42 -7.02 3.69 10.25
N VAL A 43 -7.28 5.00 10.29
CA VAL A 43 -7.53 5.78 9.08
C VAL A 43 -6.75 7.09 9.15
N TYR A 44 -6.07 7.42 8.06
N TYR A 44 -6.10 7.46 8.04
CA TYR A 44 -5.55 8.76 7.85
CA TYR A 44 -5.56 8.81 7.89
C TYR A 44 -5.91 9.14 6.41
C TYR A 44 -5.73 9.24 6.44
N ALA A 45 -6.46 10.34 6.24
CA ALA A 45 -6.77 10.86 4.91
C ALA A 45 -6.42 12.34 4.85
N MET A 46 -5.78 12.74 3.75
N MET A 46 -5.83 12.74 3.74
CA MET A 46 -5.28 14.09 3.55
CA MET A 46 -5.28 14.08 3.54
C MET A 46 -5.86 14.69 2.28
C MET A 46 -5.84 14.70 2.27
N ASP A 47 -6.40 15.90 2.39
CA ASP A 47 -6.81 16.70 1.22
C ASP A 47 -5.59 17.54 0.85
N THR A 48 -4.94 17.21 -0.27
CA THR A 48 -3.67 17.88 -0.58
C THR A 48 -3.84 19.32 -1.03
N GLY A 49 -5.06 19.78 -1.24
CA GLY A 49 -5.31 21.17 -1.59
C GLY A 49 -5.25 22.06 -0.37
N SER A 50 -6.12 21.79 0.60
CA SER A 50 -6.25 22.63 1.79
C SER A 50 -5.39 22.18 2.95
N GLY A 51 -4.95 20.92 2.95
CA GLY A 51 -4.25 20.36 4.08
C GLY A 51 -5.11 19.78 5.17
N ALA A 52 -6.44 19.79 4.99
CA ALA A 52 -7.34 19.20 5.97
C ALA A 52 -7.17 17.69 6.02
N THR A 53 -7.43 17.12 7.20
N THR A 53 -7.37 17.13 7.22
CA THR A 53 -7.16 15.71 7.45
CA THR A 53 -7.17 15.71 7.42
C THR A 53 -8.28 15.09 8.25
C THR A 53 -8.32 15.09 8.22
N VAL A 54 -8.48 13.78 8.02
CA VAL A 54 -9.31 12.91 8.85
C VAL A 54 -8.37 11.88 9.48
N SER A 55 -8.53 11.67 10.79
N SER A 55 -8.45 11.71 10.80
CA SER A 55 -7.57 10.87 11.55
CA SER A 55 -7.54 10.81 11.50
C SER A 55 -8.27 10.06 12.64
C SER A 55 -8.26 10.06 12.60
N TYR A 56 -8.08 8.74 12.61
CA TYR A 56 -8.69 7.84 13.61
C TYR A 56 -7.69 6.71 13.85
N ARG A 57 -7.19 6.60 15.07
CA ARG A 57 -6.11 5.65 15.43
C ARG A 57 -4.93 5.77 14.46
N ALA A 58 -4.68 7.00 14.01
CA ALA A 58 -3.78 7.21 12.86
C ALA A 58 -2.31 6.98 13.19
N GLU A 59 -1.93 7.03 14.46
CA GLU A 59 -0.54 6.82 14.87
C GLU A 59 -0.32 5.46 15.54
N GLU A 60 -1.36 4.61 15.58
CA GLU A 60 -1.16 3.24 16.02
C GLU A 60 -0.46 2.43 14.94
N ARG A 61 0.28 1.42 15.37
CA ARG A 61 0.90 0.48 14.43
C ARG A 61 -0.08 -0.61 14.02
N PHE A 62 -0.08 -0.94 12.72
CA PHE A 62 -0.84 -2.04 12.16
C PHE A 62 0.11 -2.84 11.26
N PRO A 63 -0.13 -4.15 11.10
CA PRO A 63 0.70 -4.95 10.18
C PRO A 63 0.55 -4.46 8.75
N LEU A 64 1.69 -4.40 8.04
CA LEU A 64 1.67 -4.00 6.64
C LEU A 64 1.06 -5.09 5.76
N CYS A 65 1.31 -6.36 6.10
CA CYS A 65 0.98 -7.46 5.20
C CYS A 65 1.57 -7.16 3.82
N SER A 66 0.88 -7.52 2.73
CA SER A 66 1.43 -7.33 1.39
C SER A 66 1.55 -5.85 0.99
N SER A 67 0.99 -4.91 1.76
CA SER A 67 1.03 -3.50 1.36
C SER A 67 2.45 -2.96 1.29
N PHE A 68 3.44 -3.64 1.89
CA PHE A 68 4.81 -3.20 1.73
C PHE A 68 5.27 -3.21 0.28
N LYS A 69 4.63 -3.99 -0.59
CA LYS A 69 5.11 -4.17 -1.95
C LYS A 69 4.97 -2.90 -2.79
N GLY A 70 4.02 -2.02 -2.46
CA GLY A 70 3.97 -0.74 -3.15
C GLY A 70 5.21 0.11 -2.89
N PHE A 71 5.60 0.22 -1.61
CA PHE A 71 6.81 0.95 -1.27
C PHE A 71 8.07 0.27 -1.82
N LEU A 72 8.06 -1.07 -1.93
CA LEU A 72 9.15 -1.79 -2.58
C LEU A 72 9.32 -1.34 -4.02
N ALA A 73 8.23 -1.24 -4.78
CA ALA A 73 8.31 -0.80 -6.17
C ALA A 73 8.82 0.64 -6.26
N ALA A 74 8.40 1.50 -5.33
CA ALA A 74 8.91 2.87 -5.32
C ALA A 74 10.43 2.89 -5.07
N ALA A 75 10.91 2.00 -4.19
CA ALA A 75 12.34 1.95 -3.92
C ALA A 75 13.14 1.49 -5.13
N VAL A 76 12.59 0.54 -5.90
CA VAL A 76 13.20 0.12 -7.16
C VAL A 76 13.27 1.29 -8.13
N LEU A 77 12.17 2.03 -8.27
CA LEU A 77 12.18 3.19 -9.14
C LEU A 77 13.21 4.23 -8.70
N ALA A 78 13.35 4.45 -7.40
CA ALA A 78 14.37 5.39 -6.93
C ALA A 78 15.76 4.95 -7.35
N ARG A 79 16.06 3.65 -7.18
CA ARG A 79 17.37 3.15 -7.60
C ARG A 79 17.57 3.32 -9.11
N SER A 80 16.49 3.16 -9.89
CA SER A 80 16.60 3.28 -11.34
C SER A 80 16.98 4.68 -11.78
N GLN A 81 16.82 5.70 -10.92
CA GLN A 81 17.26 7.04 -11.27
C GLN A 81 18.77 7.10 -11.41
N GLN A 82 19.50 6.28 -10.65
CA GLN A 82 20.95 6.20 -10.74
C GLN A 82 21.43 5.02 -11.56
N GLN A 83 20.54 4.13 -12.01
CA GLN A 83 20.90 2.97 -12.83
C GLN A 83 19.94 2.91 -14.02
N ALA A 84 20.36 3.50 -15.14
CA ALA A 84 19.48 3.64 -16.29
C ALA A 84 19.03 2.30 -16.86
N GLY A 85 19.81 1.24 -16.66
CA GLY A 85 19.45 -0.04 -17.20
C GLY A 85 18.66 -0.94 -16.28
N LEU A 86 18.35 -0.50 -15.06
CA LEU A 86 17.84 -1.43 -14.04
C LEU A 86 16.50 -2.01 -14.45
N LEU A 87 15.57 -1.15 -14.88
CA LEU A 87 14.19 -1.62 -15.09
C LEU A 87 14.09 -2.69 -16.18
N ASP A 88 14.95 -2.62 -17.20
CA ASP A 88 14.90 -3.58 -18.29
C ASP A 88 15.82 -4.79 -18.07
N THR A 89 16.39 -4.92 -16.88
CA THR A 89 17.29 -6.04 -16.60
C THR A 89 16.50 -7.34 -16.49
N PRO A 90 16.83 -8.36 -17.28
N PRO A 90 16.86 -8.38 -17.25
CA PRO A 90 16.15 -9.66 -17.13
CA PRO A 90 16.11 -9.66 -17.16
C PRO A 90 16.55 -10.34 -15.84
C PRO A 90 16.56 -10.49 -15.96
N ILE A 91 15.57 -10.99 -15.21
CA ILE A 91 15.80 -11.75 -13.99
C ILE A 91 15.24 -13.17 -14.20
N ARG A 92 16.11 -14.16 -14.09
N ARG A 92 16.11 -14.16 -14.14
N ARG A 92 16.11 -14.17 -14.14
CA ARG A 92 15.72 -15.56 -14.15
CA ARG A 92 15.69 -15.56 -14.17
CA ARG A 92 15.71 -15.56 -14.17
C ARG A 92 15.70 -16.15 -12.75
C ARG A 92 15.67 -16.13 -12.76
C ARG A 92 15.64 -16.10 -12.74
N TYR A 93 14.79 -17.10 -12.53
CA TYR A 93 14.57 -17.66 -11.21
C TYR A 93 14.16 -19.12 -11.32
N GLY A 94 14.42 -19.88 -10.25
CA GLY A 94 14.09 -21.28 -10.20
C GLY A 94 12.74 -21.56 -9.57
N LYS A 95 12.31 -22.82 -9.68
CA LYS A 95 11.01 -23.20 -9.14
C LYS A 95 10.96 -22.97 -7.63
N ASN A 96 12.11 -23.03 -6.94
CA ASN A 96 12.14 -22.77 -5.51
C ASN A 96 11.74 -21.34 -5.17
N ALA A 97 11.76 -20.42 -6.14
CA ALA A 97 11.31 -19.06 -5.87
C ALA A 97 9.80 -18.94 -5.82
N LEU A 98 9.07 -19.90 -6.38
CA LEU A 98 7.61 -19.78 -6.51
C LEU A 98 6.95 -20.21 -5.22
N VAL A 99 6.51 -19.24 -4.42
CA VAL A 99 5.82 -19.51 -3.18
C VAL A 99 4.32 -19.31 -3.44
N PRO A 100 3.46 -19.70 -2.51
CA PRO A 100 2.02 -19.53 -2.74
C PRO A 100 1.66 -18.09 -3.08
N TRP A 101 0.68 -17.95 -3.99
CA TRP A 101 0.20 -16.68 -4.53
C TRP A 101 1.31 -15.94 -5.29
N SER A 102 1.68 -16.52 -6.42
CA SER A 102 2.60 -15.91 -7.39
C SER A 102 1.98 -16.02 -8.77
N PRO A 103 0.84 -15.36 -8.98
CA PRO A 103 0.04 -15.63 -10.19
C PRO A 103 0.68 -15.17 -11.50
N ILE A 104 1.53 -14.16 -11.50
CA ILE A 104 2.20 -13.73 -12.73
C ILE A 104 3.52 -14.45 -12.92
N SER A 105 4.37 -14.44 -11.89
N SER A 105 4.36 -14.42 -11.89
CA SER A 105 5.72 -15.01 -12.02
CA SER A 105 5.69 -15.01 -11.97
C SER A 105 5.69 -16.50 -12.32
C SER A 105 5.63 -16.46 -12.41
N GLU A 106 4.64 -17.21 -11.92
CA GLU A 106 4.55 -18.63 -12.26
C GLU A 106 4.38 -18.87 -13.77
N LYS A 107 3.86 -17.90 -14.51
N LYS A 107 3.85 -17.89 -14.51
CA LYS A 107 3.70 -18.02 -15.96
CA LYS A 107 3.69 -18.00 -15.96
C LYS A 107 4.97 -17.72 -16.73
C LYS A 107 4.97 -17.70 -16.73
N TYR A 108 6.01 -17.19 -16.07
CA TYR A 108 7.27 -16.83 -16.70
C TYR A 108 8.45 -17.58 -16.06
N LEU A 109 8.17 -18.65 -15.31
CA LEU A 109 9.23 -19.44 -14.69
C LEU A 109 10.27 -19.87 -15.73
N THR A 110 9.83 -20.31 -16.89
CA THR A 110 10.72 -20.87 -17.89
C THR A 110 11.38 -19.80 -18.77
N THR A 111 11.03 -18.52 -18.57
CA THR A 111 11.58 -17.46 -19.41
C THR A 111 12.31 -16.35 -18.66
N GLY A 112 11.96 -16.11 -17.39
CA GLY A 112 12.38 -14.91 -16.69
C GLY A 112 11.45 -13.74 -16.96
N MET A 113 11.63 -12.68 -16.17
N MET A 113 11.65 -12.67 -16.17
CA MET A 113 10.92 -11.42 -16.34
CA MET A 113 10.90 -11.43 -16.26
C MET A 113 11.89 -10.27 -16.05
C MET A 113 11.86 -10.26 -16.00
N THR A 114 11.53 -9.07 -16.52
CA THR A 114 12.36 -7.91 -16.21
C THR A 114 12.05 -7.36 -14.82
N VAL A 115 12.97 -6.52 -14.31
CA VAL A 115 12.76 -5.86 -13.03
C VAL A 115 11.47 -5.07 -13.05
N ALA A 116 11.20 -4.36 -14.16
CA ALA A 116 9.98 -3.58 -14.22
C ALA A 116 8.75 -4.48 -14.21
N GLU A 117 8.82 -5.62 -14.92
CA GLU A 117 7.70 -6.54 -14.91
C GLU A 117 7.47 -7.15 -13.53
N LEU A 118 8.55 -7.52 -12.82
CA LEU A 118 8.41 -8.01 -11.45
C LEU A 118 7.78 -6.95 -10.54
N SER A 119 8.19 -5.69 -10.72
CA SER A 119 7.62 -4.61 -9.91
C SER A 119 6.14 -4.43 -10.18
N ALA A 120 5.74 -4.44 -11.46
CA ALA A 120 4.33 -4.35 -11.81
C ALA A 120 3.52 -5.50 -11.23
N ALA A 121 4.06 -6.72 -11.28
CA ALA A 121 3.34 -7.87 -10.75
C ALA A 121 3.19 -7.79 -9.24
N ALA A 122 4.24 -7.35 -8.54
CA ALA A 122 4.20 -7.18 -7.10
C ALA A 122 3.13 -6.16 -6.70
N VAL A 123 3.01 -5.06 -7.45
CA VAL A 123 2.02 -4.02 -7.12
C VAL A 123 0.62 -4.47 -7.52
N GLN A 124 0.46 -5.01 -8.74
CA GLN A 124 -0.87 -5.12 -9.36
C GLN A 124 -1.55 -6.46 -9.11
N TYR A 125 -0.79 -7.48 -8.72
CA TYR A 125 -1.29 -8.81 -8.41
C TYR A 125 -0.81 -9.27 -7.05
N SER A 126 -0.05 -8.44 -6.32
CA SER A 126 0.51 -8.83 -5.02
C SER A 126 1.33 -10.11 -5.15
N ASP A 127 2.02 -10.26 -6.28
CA ASP A 127 2.80 -11.46 -6.56
C ASP A 127 3.95 -11.66 -5.56
N ASN A 128 3.92 -12.80 -4.86
CA ASN A 128 4.86 -13.01 -3.75
C ASN A 128 6.26 -13.34 -4.24
N ALA A 129 6.40 -14.20 -5.25
CA ALA A 129 7.75 -14.50 -5.75
C ALA A 129 8.40 -13.25 -6.31
N ALA A 130 7.64 -12.43 -7.05
CA ALA A 130 8.19 -11.20 -7.59
C ALA A 130 8.69 -10.28 -6.47
N ALA A 131 7.89 -10.12 -5.42
CA ALA A 131 8.28 -9.24 -4.32
C ALA A 131 9.54 -9.77 -3.64
N ASN A 132 9.66 -11.09 -3.46
CA ASN A 132 10.85 -11.63 -2.80
C ASN A 132 12.11 -11.39 -3.63
N LEU A 133 12.02 -11.54 -4.95
CA LEU A 133 13.18 -11.29 -5.81
C LEU A 133 13.62 -9.83 -5.72
N LEU A 134 12.65 -8.91 -5.71
CA LEU A 134 12.99 -7.50 -5.66
C LEU A 134 13.54 -7.12 -4.29
N LEU A 135 12.99 -7.69 -3.22
CA LEU A 135 13.52 -7.43 -1.88
C LEU A 135 14.97 -7.83 -1.79
N LYS A 136 15.33 -8.96 -2.39
CA LYS A 136 16.72 -9.38 -2.47
C LYS A 136 17.58 -8.30 -3.12
N GLU A 137 17.13 -7.81 -4.28
CA GLU A 137 17.89 -6.81 -5.02
C GLU A 137 18.16 -5.57 -4.18
N LEU A 138 17.24 -5.19 -3.29
CA LEU A 138 17.38 -3.97 -2.51
C LEU A 138 18.17 -4.15 -1.22
N GLY A 139 18.59 -5.36 -0.91
CA GLY A 139 19.25 -5.61 0.36
C GLY A 139 18.34 -6.02 1.50
N GLY A 140 17.19 -6.60 1.20
CA GLY A 140 16.36 -7.21 2.22
C GLY A 140 15.49 -6.21 2.97
N PRO A 141 14.84 -6.68 4.03
CA PRO A 141 13.99 -5.78 4.84
C PRO A 141 14.68 -4.52 5.32
N ALA A 142 15.97 -4.61 5.73
CA ALA A 142 16.68 -3.42 6.16
C ALA A 142 16.90 -2.45 5.01
N GLY A 143 17.09 -2.95 3.78
CA GLY A 143 17.27 -2.05 2.65
C GLY A 143 16.00 -1.28 2.31
N LEU A 144 14.85 -1.94 2.37
CA LEU A 144 13.60 -1.21 2.14
C LEU A 144 13.35 -0.20 3.25
N THR A 145 13.59 -0.61 4.50
CA THR A 145 13.45 0.33 5.61
C THR A 145 14.35 1.56 5.43
N ALA A 146 15.59 1.33 4.98
CA ALA A 146 16.51 2.44 4.75
C ALA A 146 15.97 3.38 3.68
N PHE A 147 15.34 2.86 2.61
CA PHE A 147 14.75 3.75 1.63
C PHE A 147 13.66 4.60 2.25
N MET A 148 12.80 4.00 3.07
CA MET A 148 11.74 4.77 3.72
C MET A 148 12.32 5.84 4.64
N ARG A 149 13.40 5.53 5.37
CA ARG A 149 14.08 6.56 6.16
C ARG A 149 14.56 7.71 5.28
N SER A 150 15.01 7.40 4.05
CA SER A 150 15.59 8.39 3.17
C SER A 150 14.57 9.40 2.65
N ILE A 151 13.27 9.05 2.68
CA ILE A 151 12.22 10.01 2.32
C ILE A 151 11.61 10.66 3.57
N GLY A 152 12.16 10.39 4.75
CA GLY A 152 11.70 11.01 5.98
C GLY A 152 10.67 10.25 6.79
N ASP A 153 10.43 8.97 6.48
CA ASP A 153 9.49 8.14 7.22
C ASP A 153 10.28 7.43 8.33
N THR A 154 9.99 7.79 9.57
CA THR A 154 10.65 7.23 10.74
C THR A 154 9.83 6.16 11.45
N THR A 155 8.66 5.81 10.92
CA THR A 155 7.74 4.85 11.52
C THR A 155 7.81 3.49 10.85
N PHE A 156 7.84 3.46 9.51
CA PHE A 156 7.86 2.20 8.76
C PHE A 156 8.99 1.30 9.23
N ARG A 157 8.67 0.01 9.40
CA ARG A 157 9.72 -1.00 9.56
C ARG A 157 9.32 -2.29 8.87
N LEU A 158 10.19 -2.79 8.00
CA LEU A 158 10.13 -4.17 7.52
C LEU A 158 11.28 -4.91 8.19
N ASP A 159 10.98 -6.08 8.73
CA ASP A 159 11.90 -6.86 9.55
C ASP A 159 12.15 -8.26 9.04
N ARG A 160 11.16 -8.88 8.39
CA ARG A 160 11.25 -10.27 8.00
C ARG A 160 10.98 -10.41 6.51
N TRP A 161 11.42 -11.55 5.97
CA TRP A 161 11.11 -11.96 4.62
C TRP A 161 9.72 -12.59 4.61
N GLN A 162 9.26 -12.95 3.43
CA GLN A 162 7.85 -13.14 3.23
C GLN A 162 7.32 -14.39 3.92
N LEU A 163 5.99 -14.43 3.98
CA LEU A 163 5.17 -15.36 4.75
C LEU A 163 5.22 -15.04 6.24
N GLU A 164 6.36 -15.22 6.91
CA GLU A 164 6.35 -14.94 8.35
C GLU A 164 6.11 -13.46 8.63
N LEU A 165 6.46 -12.56 7.70
CA LEU A 165 6.18 -11.14 7.94
C LEU A 165 4.69 -10.85 8.08
N ASN A 166 3.82 -11.77 7.65
CA ASN A 166 2.36 -11.59 7.72
C ASN A 166 1.71 -12.18 8.98
N SER A 167 2.50 -12.53 10.00
CA SER A 167 1.96 -13.20 11.18
C SER A 167 0.99 -12.32 11.99
N ALA A 168 1.15 -10.99 11.93
CA ALA A 168 0.15 -10.06 12.49
C ALA A 168 -0.10 -10.30 14.00
N ILE A 169 0.96 -10.65 14.73
CA ILE A 169 0.80 -11.01 16.14
C ILE A 169 0.42 -9.77 16.93
N PRO A 170 -0.59 -9.84 17.80
CA PRO A 170 -0.97 -8.65 18.59
C PRO A 170 0.19 -8.12 19.43
N GLY A 171 0.42 -6.80 19.32
CA GLY A 171 1.51 -6.15 20.05
C GLY A 171 2.90 -6.22 19.42
N ASP A 172 3.07 -6.97 18.34
CA ASP A 172 4.36 -7.13 17.68
C ASP A 172 4.55 -5.96 16.71
N ALA A 173 5.61 -5.17 16.93
CA ALA A 173 5.91 -4.04 16.05
C ALA A 173 6.64 -4.43 14.77
N ARG A 174 7.14 -5.65 14.65
CA ARG A 174 7.79 -6.04 13.40
C ARG A 174 6.83 -5.94 12.22
N ASP A 175 7.35 -5.46 11.09
CA ASP A 175 6.60 -5.43 9.83
C ASP A 175 5.30 -4.64 9.96
N THR A 176 5.42 -3.45 10.56
CA THR A 176 4.28 -2.57 10.76
C THR A 176 4.59 -1.15 10.32
N SER A 177 3.53 -0.37 10.13
CA SER A 177 3.64 1.09 10.08
C SER A 177 2.35 1.65 10.66
N SER A 178 2.18 2.98 10.56
CA SER A 178 0.95 3.62 10.99
C SER A 178 0.18 4.14 9.78
N PRO A 179 -1.14 4.27 9.87
CA PRO A 179 -1.88 4.85 8.73
C PRO A 179 -1.35 6.22 8.34
N ARG A 180 -0.98 7.03 9.32
CA ARG A 180 -0.48 8.37 9.04
C ARG A 180 0.84 8.32 8.25
N ALA A 181 1.80 7.50 8.70
CA ALA A 181 3.09 7.45 7.99
C ALA A 181 2.93 6.87 6.59
N VAL A 182 2.04 5.88 6.44
CA VAL A 182 1.76 5.32 5.11
C VAL A 182 1.24 6.41 4.18
N THR A 183 0.28 7.20 4.65
CA THR A 183 -0.28 8.26 3.80
C THR A 183 0.75 9.33 3.49
N GLU A 184 1.51 9.77 4.48
CA GLU A 184 2.53 10.79 4.26
C GLU A 184 3.57 10.33 3.24
N SER A 185 4.02 9.08 3.35
CA SER A 185 5.01 8.57 2.41
C SER A 185 4.41 8.38 1.03
N LEU A 186 3.16 7.91 0.96
CA LEU A 186 2.51 7.77 -0.33
C LEU A 186 2.38 9.12 -1.02
N GLN A 187 2.04 10.18 -0.27
N GLN A 187 2.04 10.18 -0.28
N GLN A 187 2.04 10.18 -0.27
CA GLN A 187 1.95 11.51 -0.84
CA GLN A 187 1.96 11.49 -0.92
CA GLN A 187 1.95 11.50 -0.87
C GLN A 187 3.30 11.94 -1.43
C GLN A 187 3.32 11.92 -1.47
C GLN A 187 3.30 11.96 -1.43
N LYS A 188 4.38 11.74 -0.68
CA LYS A 188 5.70 12.16 -1.13
C LYS A 188 6.08 11.49 -2.44
N LEU A 189 5.75 10.20 -2.57
CA LEU A 189 6.18 9.40 -3.73
C LEU A 189 5.29 9.60 -4.95
N THR A 190 4.00 9.84 -4.79
CA THR A 190 3.10 9.97 -5.94
C THR A 190 2.85 11.40 -6.36
N LEU A 191 2.97 12.36 -5.46
CA LEU A 191 2.63 13.75 -5.73
C LEU A 191 3.77 14.71 -5.40
N GLY A 192 4.63 14.35 -4.46
CA GLY A 192 5.73 15.20 -4.02
C GLY A 192 6.98 14.99 -4.85
N SER A 193 8.13 15.25 -4.23
CA SER A 193 9.41 15.27 -4.93
C SER A 193 10.33 14.11 -4.59
N ALA A 194 9.82 13.06 -3.93
CA ALA A 194 10.70 11.96 -3.52
C ALA A 194 11.23 11.18 -4.70
N LEU A 195 10.47 11.08 -5.78
CA LEU A 195 10.91 10.48 -7.03
C LEU A 195 11.00 11.56 -8.11
N ALA A 196 11.90 11.34 -9.07
CA ALA A 196 11.94 12.17 -10.27
C ALA A 196 10.64 11.99 -11.06
N ALA A 197 10.33 13.01 -11.87
CA ALA A 197 9.02 13.03 -12.53
C ALA A 197 8.70 11.79 -13.34
N PRO A 198 9.60 11.27 -14.18
CA PRO A 198 9.24 10.04 -14.92
C PRO A 198 8.97 8.86 -14.00
N GLN A 199 9.78 8.68 -12.96
CA GLN A 199 9.58 7.59 -12.02
C GLN A 199 8.31 7.77 -11.21
N ARG A 200 7.99 9.02 -10.85
N ARG A 200 7.98 9.01 -10.85
CA ARG A 200 6.76 9.31 -10.13
CA ARG A 200 6.75 9.27 -10.12
C ARG A 200 5.54 8.85 -10.93
C ARG A 200 5.53 8.84 -10.92
N GLN A 201 5.48 9.20 -12.21
CA GLN A 201 4.33 8.81 -13.02
C GLN A 201 4.27 7.31 -13.24
N GLN A 202 5.42 6.64 -13.34
CA GLN A 202 5.43 5.19 -13.44
C GLN A 202 4.86 4.54 -12.19
N PHE A 203 5.23 5.06 -11.01
CA PHE A 203 4.66 4.55 -9.77
C PHE A 203 3.14 4.72 -9.75
N VAL A 204 2.68 5.92 -10.11
CA VAL A 204 1.24 6.18 -10.22
C VAL A 204 0.58 5.21 -11.19
N ASP A 205 1.19 4.99 -12.35
CA ASP A 205 0.60 4.11 -13.35
C ASP A 205 0.48 2.67 -12.83
N TRP A 206 1.49 2.19 -12.12
CA TRP A 206 1.39 0.84 -11.56
C TRP A 206 0.26 0.75 -10.54
N LEU A 207 0.15 1.74 -9.64
CA LEU A 207 -0.95 1.77 -8.68
C LEU A 207 -2.31 1.83 -9.38
N LYS A 208 -2.43 2.64 -10.42
CA LYS A 208 -3.71 2.74 -11.14
C LYS A 208 -4.11 1.39 -11.73
N GLY A 209 -3.14 0.59 -12.17
CA GLY A 209 -3.40 -0.73 -12.71
C GLY A 209 -3.62 -1.86 -11.73
N ASN A 210 -3.68 -1.58 -10.42
CA ASN A 210 -3.87 -2.66 -9.48
C ASN A 210 -5.19 -3.38 -9.77
N THR A 211 -5.17 -4.73 -9.60
CA THR A 211 -6.32 -5.59 -9.84
C THR A 211 -6.97 -6.15 -8.58
N THR A 212 -6.38 -5.94 -7.39
CA THR A 212 -6.78 -6.63 -6.16
C THR A 212 -7.64 -5.78 -5.22
N GLY A 213 -7.92 -4.53 -5.59
CA GLY A 213 -8.57 -3.62 -4.67
C GLY A 213 -9.98 -3.18 -5.03
N ASN A 214 -10.68 -3.91 -5.91
CA ASN A 214 -11.97 -3.42 -6.37
C ASN A 214 -13.04 -3.34 -5.28
N HIS A 215 -12.87 -4.05 -4.16
CA HIS A 215 -13.86 -4.07 -3.08
C HIS A 215 -13.43 -3.28 -1.86
N ARG A 216 -12.37 -2.47 -1.97
CA ARG A 216 -11.82 -1.72 -0.84
C ARG A 216 -11.99 -0.22 -1.11
N ILE A 217 -10.92 0.57 -1.08
CA ILE A 217 -11.07 2.02 -1.27
C ILE A 217 -11.80 2.34 -2.58
N ARG A 218 -11.47 1.62 -3.66
CA ARG A 218 -12.10 1.86 -4.95
C ARG A 218 -13.62 1.78 -4.90
N ALA A 219 -14.16 0.89 -4.06
CA ALA A 219 -15.61 0.76 -3.95
C ALA A 219 -16.28 1.99 -3.38
N ALA A 220 -15.50 2.89 -2.76
CA ALA A 220 -16.02 4.15 -2.23
C ALA A 220 -15.78 5.33 -3.17
N VAL A 221 -15.14 5.11 -4.30
CA VAL A 221 -14.70 6.17 -5.21
C VAL A 221 -15.56 6.12 -6.47
N PRO A 222 -16.18 7.23 -6.88
CA PRO A 222 -16.96 7.20 -8.13
C PRO A 222 -16.15 6.79 -9.35
N ALA A 223 -16.84 6.11 -10.27
CA ALA A 223 -16.17 5.53 -11.44
C ALA A 223 -15.52 6.56 -12.35
N ASP A 224 -15.93 7.82 -12.33
CA ASP A 224 -15.34 8.84 -13.18
C ASP A 224 -14.15 9.56 -12.54
N TRP A 225 -13.63 9.07 -11.41
CA TRP A 225 -12.42 9.62 -10.81
C TRP A 225 -11.25 8.64 -10.99
N ALA A 226 -10.06 9.16 -11.19
CA ALA A 226 -8.89 8.29 -11.24
C ALA A 226 -8.47 7.86 -9.84
N VAL A 227 -7.89 6.67 -9.74
N VAL A 227 -7.96 6.63 -9.73
CA VAL A 227 -7.49 6.11 -8.44
CA VAL A 227 -7.52 6.04 -8.48
C VAL A 227 -6.45 5.02 -8.64
C VAL A 227 -6.34 5.10 -8.73
N GLY A 228 -5.46 5.03 -7.74
CA GLY A 228 -4.48 3.95 -7.67
C GLY A 228 -4.34 3.51 -6.23
N ASP A 229 -4.08 2.20 -6.04
CA ASP A 229 -4.02 1.66 -4.68
C ASP A 229 -3.13 0.41 -4.60
N LYS A 230 -2.79 0.05 -3.34
CA LYS A 230 -2.17 -1.24 -3.01
C LYS A 230 -2.82 -1.80 -1.76
N THR A 231 -3.17 -3.09 -1.82
CA THR A 231 -3.83 -3.83 -0.76
C THR A 231 -2.87 -4.69 0.06
N GLY A 232 -3.38 -5.13 1.21
CA GLY A 232 -2.72 -6.12 2.05
C GLY A 232 -3.74 -7.01 2.74
N THR A 233 -3.48 -8.33 2.82
CA THR A 233 -4.37 -9.27 3.50
C THR A 233 -3.51 -10.34 4.18
N CYS A 234 -3.30 -10.22 5.49
CA CYS A 234 -2.39 -11.12 6.19
C CYS A 234 -2.94 -12.54 6.33
N GLY A 235 -4.26 -12.72 6.41
CA GLY A 235 -4.86 -14.04 6.56
C GLY A 235 -5.15 -14.49 7.98
N VAL A 236 -4.80 -13.67 8.96
CA VAL A 236 -5.01 -13.98 10.38
C VAL A 236 -5.36 -12.66 11.08
N TYR A 237 -5.92 -12.78 12.28
CA TYR A 237 -6.13 -11.65 13.18
C TYR A 237 -6.93 -10.53 12.53
N GLY A 238 -7.90 -10.89 11.71
CA GLY A 238 -8.73 -9.89 11.00
C GLY A 238 -7.95 -8.77 10.37
N THR A 239 -6.75 -9.05 9.86
CA THR A 239 -5.81 -8.01 9.50
C THR A 239 -5.75 -7.84 7.98
N ALA A 240 -6.16 -6.68 7.49
CA ALA A 240 -6.17 -6.34 6.07
C ALA A 240 -6.15 -4.82 5.92
N ASN A 241 -5.84 -4.36 4.72
CA ASN A 241 -5.61 -2.92 4.54
C ASN A 241 -5.62 -2.53 3.07
N ASP A 242 -5.58 -1.22 2.84
CA ASP A 242 -5.49 -0.60 1.51
C ASP A 242 -5.02 0.83 1.70
N TYR A 243 -4.18 1.31 0.76
CA TYR A 243 -3.87 2.72 0.66
C TYR A 243 -4.02 3.18 -0.79
N ALA A 244 -4.34 4.46 -0.97
CA ALA A 244 -4.68 4.94 -2.30
C ALA A 244 -4.43 6.43 -2.47
N VAL A 245 -4.18 6.82 -3.72
N VAL A 245 -4.25 6.81 -3.74
CA VAL A 245 -4.29 8.21 -4.15
CA VAL A 245 -4.26 8.22 -4.17
C VAL A 245 -5.53 8.29 -5.04
C VAL A 245 -5.42 8.38 -5.14
N VAL A 246 -6.32 9.32 -4.83
CA VAL A 246 -7.59 9.52 -5.52
C VAL A 246 -7.58 10.92 -6.14
N TRP A 247 -8.00 11.01 -7.42
CA TRP A 247 -8.10 12.28 -8.11
C TRP A 247 -9.57 12.63 -8.41
N PRO A 248 -10.30 13.24 -7.46
CA PRO A 248 -11.65 13.71 -7.78
C PRO A 248 -11.54 14.79 -8.85
N THR A 249 -12.52 14.85 -9.73
CA THR A 249 -12.44 15.85 -10.79
C THR A 249 -12.67 17.24 -10.21
N GLY A 250 -11.91 18.22 -10.71
CA GLY A 250 -12.14 19.61 -10.34
C GLY A 250 -11.56 20.06 -9.02
N ARG A 251 -10.78 19.23 -8.33
CA ARG A 251 -10.18 19.63 -7.06
C ARG A 251 -8.90 18.84 -6.87
N ALA A 252 -8.17 19.15 -5.79
CA ALA A 252 -6.88 18.54 -5.56
C ALA A 252 -7.02 17.07 -5.15
N PRO A 253 -5.98 16.27 -5.39
CA PRO A 253 -6.07 14.85 -5.01
C PRO A 253 -6.11 14.63 -3.51
N ILE A 254 -6.66 13.46 -3.16
CA ILE A 254 -6.75 12.96 -1.79
C ILE A 254 -5.84 11.73 -1.66
N VAL A 255 -5.11 11.66 -0.55
N VAL A 255 -5.14 11.62 -0.53
CA VAL A 255 -4.29 10.49 -0.22
CA VAL A 255 -4.32 10.46 -0.24
C VAL A 255 -4.84 9.89 1.07
C VAL A 255 -4.77 9.88 1.09
N LEU A 256 -5.02 8.56 1.11
CA LEU A 256 -5.55 7.94 2.32
C LEU A 256 -5.08 6.52 2.52
N ALA A 257 -5.13 6.09 3.80
CA ALA A 257 -4.77 4.75 4.22
C ALA A 257 -5.81 4.22 5.20
N VAL A 258 -6.19 2.95 5.01
CA VAL A 258 -7.15 2.25 5.88
C VAL A 258 -6.58 0.90 6.27
N TYR A 259 -6.30 0.70 7.57
CA TYR A 259 -5.73 -0.53 8.11
C TYR A 259 -6.64 -1.14 9.18
N THR A 260 -6.73 -2.46 9.23
CA THR A 260 -7.51 -3.13 10.24
C THR A 260 -6.73 -4.25 10.93
N ARG A 261 -7.17 -4.57 12.14
N ARG A 261 -7.17 -4.59 12.14
CA ARG A 261 -6.75 -5.79 12.83
CA ARG A 261 -6.72 -5.77 12.86
C ARG A 261 -7.85 -6.19 13.79
C ARG A 261 -7.77 -6.12 13.90
N ALA A 262 -7.64 -7.32 14.48
CA ALA A 262 -8.63 -7.84 15.42
C ALA A 262 -7.93 -8.74 16.43
N PRO A 263 -8.55 -9.03 17.58
CA PRO A 263 -7.81 -9.66 18.68
C PRO A 263 -7.52 -11.15 18.58
N ASN A 264 -8.36 -11.91 17.88
CA ASN A 264 -8.25 -13.36 17.84
C ASN A 264 -7.67 -13.84 16.50
N LYS A 265 -6.85 -14.89 16.56
CA LYS A 265 -6.14 -15.32 15.36
C LYS A 265 -7.11 -15.68 14.24
N ASP A 266 -8.26 -16.28 14.58
CA ASP A 266 -9.19 -16.71 13.55
C ASP A 266 -10.30 -15.68 13.24
N ASP A 267 -10.19 -14.45 13.77
CA ASP A 267 -11.10 -13.39 13.33
C ASP A 267 -10.93 -13.14 11.83
N LYS A 268 -12.04 -12.92 11.12
CA LYS A 268 -11.98 -12.74 9.68
C LYS A 268 -11.79 -11.26 9.35
N HIS A 269 -11.08 -11.00 8.25
CA HIS A 269 -11.02 -9.62 7.75
C HIS A 269 -12.29 -9.30 6.99
N SER A 270 -12.48 -8.03 6.68
CA SER A 270 -13.65 -7.58 5.93
C SER A 270 -13.26 -6.53 4.90
N GLU A 271 -13.53 -6.82 3.62
CA GLU A 271 -13.36 -5.77 2.60
C GLU A 271 -14.41 -4.68 2.77
N ALA A 272 -15.65 -5.06 3.12
CA ALA A 272 -16.72 -4.07 3.27
C ALA A 272 -16.39 -3.03 4.32
N VAL A 273 -15.72 -3.43 5.41
N VAL A 273 -15.72 -3.42 5.41
CA VAL A 273 -15.37 -2.49 6.46
CA VAL A 273 -15.40 -2.43 6.44
C VAL A 273 -14.34 -1.48 5.95
C VAL A 273 -14.34 -1.46 5.94
N ILE A 274 -13.41 -1.93 5.11
CA ILE A 274 -12.41 -1.03 4.54
C ILE A 274 -13.08 -0.01 3.61
N ALA A 275 -13.97 -0.46 2.75
CA ALA A 275 -14.71 0.46 1.88
C ALA A 275 -15.54 1.45 2.69
N ALA A 276 -16.20 0.98 3.75
CA ALA A 276 -17.02 1.86 4.56
C ALA A 276 -16.17 2.91 5.27
N ALA A 277 -14.98 2.53 5.73
CA ALA A 277 -14.08 3.48 6.39
C ALA A 277 -13.60 4.53 5.38
N ALA A 278 -13.32 4.11 4.14
CA ALA A 278 -12.93 5.06 3.10
C ALA A 278 -14.06 6.04 2.81
N ARG A 279 -15.30 5.56 2.77
N ARG A 279 -15.30 5.56 2.77
CA ARG A 279 -16.44 6.43 2.56
CA ARG A 279 -16.43 6.46 2.56
C ARG A 279 -16.56 7.48 3.67
C ARG A 279 -16.53 7.51 3.67
N LEU A 280 -16.39 7.07 4.93
CA LEU A 280 -16.43 8.01 6.05
C LEU A 280 -15.30 9.03 5.97
N ALA A 281 -14.12 8.62 5.50
CA ALA A 281 -13.00 9.55 5.37
C ALA A 281 -13.29 10.62 4.33
N LEU A 282 -13.82 10.23 3.17
CA LEU A 282 -14.16 11.21 2.14
C LEU A 282 -15.26 12.15 2.62
N GLU A 283 -16.26 11.60 3.33
CA GLU A 283 -17.30 12.46 3.89
C GLU A 283 -16.72 13.46 4.88
N GLY A 284 -15.79 13.00 5.72
CA GLY A 284 -15.18 13.90 6.70
C GLY A 284 -14.38 15.02 6.08
N LEU A 285 -13.83 14.79 4.89
CA LEU A 285 -13.11 15.82 4.13
C LEU A 285 -14.04 16.71 3.30
N GLY A 286 -15.33 16.39 3.25
CA GLY A 286 -16.25 17.19 2.45
C GLY A 286 -16.12 16.97 0.96
N VAL A 287 -15.60 15.82 0.57
CA VAL A 287 -15.48 15.46 -0.84
C VAL A 287 -16.77 14.78 -1.25
N ASN A 288 -17.52 15.42 -2.16
CA ASN A 288 -18.77 14.84 -2.63
C ASN A 288 -18.49 13.64 -3.51
N GLY A 289 -19.07 12.50 -3.16
CA GLY A 289 -18.83 11.26 -3.89
C GLY A 289 -20.12 10.57 -4.27
C7 ID1 B . -0.39 -10.08 1.10
C2 ID1 B . -3.61 -11.52 -1.71
C6 ID1 B . -0.83 -11.45 0.65
C5 ID1 B . -1.30 -11.38 -0.81
C3 ID1 B . -3.08 -10.13 -1.39
O7 ID1 B . -1.01 -9.40 1.90
C61 ID1 B . 0.38 -12.39 0.86
O62 ID1 B . 0.11 -13.62 0.22
C62 ID1 B . 0.63 -12.64 2.36
N4 ID1 B . -1.85 -10.03 -1.08
C31 ID1 B . -3.82 -8.92 -1.83
O31 ID1 B . -3.53 -7.92 -1.14
O32 ID1 B . -4.60 -9.04 -2.80
S21 ID1 B . -5.18 -11.86 -0.74
C22 ID1 B . -5.35 -13.63 -0.24
C23 ID1 B . -5.24 -14.49 -1.51
N24 ID1 B . -6.24 -15.60 -1.53
C25 ID1 B . -6.34 -16.58 -0.54
N26 ID1 B . -5.54 -16.54 0.48
C1 ID1 B . -2.41 -12.39 -1.24
H2 ID1 B . -3.83 -11.62 -2.64
H3 ID1 B . -1.55 -11.74 1.22
H4 ID1 B . -0.54 -11.52 -1.39
H6 ID1 B . 1.18 -12.00 0.50
H7 ID1 B . -0.66 -13.87 0.48
H8 ID1 B . 1.46 -13.10 2.55
H9 ID1 B . -0.05 -13.20 2.78
H10 ID1 B . 0.66 -11.83 2.89
H14 ID1 B . -4.64 -13.86 0.39
H15 ID1 B . -6.19 -13.77 0.20
H16 ID1 B . -4.35 -14.84 -1.58
H17 ID1 B . -5.35 -13.92 -2.29
H18 ID1 B . -7.02 -17.21 -0.69
H19 ID1 B . -5.66 -17.21 1.07
H20 ID1 B . -6.80 -15.63 -2.20
H21 ID1 B . -2.10 -12.98 -1.94
H22 ID1 B . -2.66 -12.97 -0.50
O31 HIW C . -4.91 -8.50 -0.72
C31 HIW C . -3.79 -8.58 -1.25
O32 HIW C . -3.13 -7.71 -1.87
C3 HIW C . -3.04 -9.92 -1.16
N4 HIW C . -1.77 -9.95 -1.05
C2 HIW C . -3.72 -11.23 -1.44
C1 HIW C . -2.59 -12.22 -1.07
C5 HIW C . -1.35 -11.34 -0.77
C6 HIW C . -0.80 -11.43 0.67
C7 HIW C . -0.38 -10.07 1.12
O71 HIW C . -1.00 -9.41 1.96
C61 HIW C . 0.42 -12.36 0.82
O62 HIW C . 0.12 -13.59 0.22
C62 HIW C . 0.73 -12.59 2.32
S21 HIW C . -4.12 -11.40 -3.25
C22 HIW C . -5.57 -10.40 -3.74
C23 HIW C . -6.54 -11.34 -4.40
N24 HIW C . -7.80 -10.65 -4.70
C25 HIW C . -8.16 -10.20 -5.97
N26 HIW C . -7.35 -10.38 -6.96
H5 HIW C . -4.54 -11.30 -0.92
H6 HIW C . -2.83 -12.77 -0.30
H7 HIW C . -2.41 -12.86 -1.78
H8 HIW C . -0.64 -11.56 -1.40
H9 HIW C . -1.50 -11.76 1.27
H11 HIW C . 1.20 -11.96 0.41
H12 HIW C . -0.64 -13.83 0.51
H13 HIW C . 0.87 -11.77 2.82
H14 HIW C . 1.55 -13.11 2.47
H15 HIW C . 0.04 -13.08 2.79
H16 HIW C . -5.96 -9.97 -2.96
H17 HIW C . -5.30 -9.69 -4.35
H18 HIW C . -6.68 -12.11 -3.83
H19 HIW C . -6.14 -11.71 -5.20
H20 HIW C . -8.36 -10.53 -4.06
H21 HIW C . -8.98 -9.78 -6.00
H22 HIW C . -7.67 -10.05 -7.74
S SO4 D . -8.93 2.36 23.05
O1 SO4 D . -10.08 1.94 22.25
O2 SO4 D . -9.38 2.72 24.39
O3 SO4 D . -7.97 1.27 23.12
O4 SO4 D . -8.28 3.53 22.45
S SO4 E . -16.31 -9.14 2.88
O1 SO4 E . -17.06 -9.68 4.02
O2 SO4 E . -16.63 -7.73 2.73
O3 SO4 E . -16.70 -9.90 1.69
O4 SO4 E . -14.86 -9.31 3.11
S SO4 F . -20.08 4.41 -8.87
O1 SO4 F . -19.95 5.46 -7.86
O2 SO4 F . -21.43 3.86 -8.82
O3 SO4 F . -19.11 3.34 -8.61
O4 SO4 F . -19.80 4.99 -10.18
C1 GOL G . -1.17 12.13 -12.12
O1 GOL G . -0.12 11.24 -11.86
C2 GOL G . -2.22 11.51 -13.11
O2 GOL G . -1.92 10.24 -13.53
C3 GOL G . -3.59 11.61 -12.37
O3 GOL G . -4.52 10.73 -12.96
H11 GOL G . -1.65 12.38 -11.30
H12 GOL G . -0.85 12.96 -12.50
HO1 GOL G . -0.08 11.16 -11.01
H2 GOL G . -2.21 12.01 -13.94
HO2 GOL G . -1.93 10.24 -14.37
H31 GOL G . -3.44 11.43 -11.42
H32 GOL G . -3.88 12.54 -12.40
HO3 GOL G . -5.25 11.15 -13.05
C1 GOL H . 0.10 -4.44 15.74
O1 GOL H . -0.55 -5.50 15.01
C2 GOL H . -0.84 -4.01 16.90
O2 GOL H . -1.12 -5.07 17.70
C3 GOL H . -0.19 -2.75 17.58
O3 GOL H . 0.68 -3.16 18.64
H11 GOL H . 0.96 -4.71 16.12
H12 GOL H . 0.30 -3.66 15.19
HO1 GOL H . 0.07 -6.03 14.76
H2 GOL H . -1.71 -3.71 16.58
HO2 GOL H . -1.93 -5.02 17.93
H31 GOL H . 0.27 -2.25 16.88
H32 GOL H . -0.91 -2.18 17.89
HO3 GOL H . 0.56 -2.62 19.27
#